data_3GJ5
#
_entry.id   3GJ5
#
_cell.length_a   70.443
_cell.length_b   61.343
_cell.length_c   74.025
_cell.angle_alpha   90.00
_cell.angle_beta   112.55
_cell.angle_gamma   90.00
#
_symmetry.space_group_name_H-M   'P 1 21 1'
#
loop_
_entity.id
_entity.type
_entity.pdbx_description
1 polymer 'GTP-binding nuclear protein Ran'
2 polymer 'Nuclear pore complex protein Nup153'
3 non-polymer 'MAGNESIUM ION'
4 non-polymer "GUANOSINE-5'-DIPHOSPHATE"
5 non-polymer 'ZINC ION'
6 water water
#
loop_
_entity_poly.entity_id
_entity_poly.type
_entity_poly.pdbx_seq_one_letter_code
_entity_poly.pdbx_strand_id
1 'polypeptide(L)'
;GPHMASAAQGEPQVQFKLVLVGDGGTGKTTFVKRHLTGESEKKYVATLGVEVHPLVFHTNRGPIKFNVWDTAGQEKFGGL
RDGYYIQAQCAIIMFDVTSRVTYKNVPNWHRDLVRVCENIPIVLCGNKVDIKDRKVKAKSIVFHRKKNLQYYDISAKSNY
NFEKPFLWLARKLIGDPNLEFVAMPALAPPEVVMDPALAAQYEHDLEVAQTTALPDEDDDL
;
A,C
2 'polypeptide(L)' GPLGSGSWDCEVCLVQNKADSTKCIACESAKPGT B,D
#
# COMPACT_ATOMS: atom_id res chain seq x y z
N GLN A 13 6.53 14.65 5.08
CA GLN A 13 5.45 13.66 5.11
C GLN A 13 4.28 14.16 5.96
N VAL A 14 3.08 14.05 5.43
CA VAL A 14 1.89 14.52 6.15
C VAL A 14 1.30 13.35 6.93
N GLN A 15 1.22 13.49 8.25
CA GLN A 15 0.66 12.43 9.09
C GLN A 15 -0.16 13.02 10.24
N PHE A 16 -1.10 12.23 10.72
CA PHE A 16 -2.06 12.65 11.71
C PHE A 16 -2.28 11.52 12.70
N LYS A 17 -2.22 11.83 13.99
CA LYS A 17 -2.62 10.85 15.00
C LYS A 17 -4.14 10.76 15.03
N LEU A 18 -4.65 9.54 14.83
CA LEU A 18 -6.07 9.32 14.81
C LEU A 18 -6.39 8.34 15.92
N VAL A 19 -7.24 8.74 16.86
CA VAL A 19 -7.63 7.78 17.90
C VAL A 19 -8.94 7.08 17.57
N LEU A 20 -8.98 5.76 17.81
CA LEU A 20 -10.12 4.96 17.41
C LEU A 20 -10.72 4.46 18.70
N VAL A 21 -11.92 4.93 19.03
CA VAL A 21 -12.54 4.59 20.31
C VAL A 21 -13.97 4.10 20.16
N GLY A 22 -14.52 3.58 21.24
CA GLY A 22 -15.80 2.91 21.20
C GLY A 22 -15.79 1.72 22.15
N ASP A 23 -16.97 1.25 22.53
CA ASP A 23 -17.10 0.12 23.43
C ASP A 23 -16.32 -1.10 22.97
N GLY A 24 -15.87 -1.91 23.93
CA GLY A 24 -15.25 -3.19 23.59
C GLY A 24 -16.22 -4.01 22.76
N GLY A 25 -15.69 -4.66 21.72
CA GLY A 25 -16.49 -5.57 20.92
C GLY A 25 -17.21 -4.95 19.73
N THR A 26 -16.94 -3.68 19.46
CA THR A 26 -17.64 -2.99 18.40
C THR A 26 -16.99 -3.22 17.03
N GLY A 27 -15.75 -3.74 17.04
CA GLY A 27 -15.02 -4.07 15.82
C GLY A 27 -13.88 -3.12 15.50
N LYS A 28 -13.36 -2.42 16.50
CA LYS A 28 -12.28 -1.46 16.24
C LYS A 28 -11.02 -2.10 15.69
N THR A 29 -10.59 -3.17 16.32
CA THR A 29 -9.37 -3.84 15.90
C THR A 29 -9.55 -4.47 14.54
N THR A 30 -10.71 -5.09 14.33
CA THR A 30 -11.00 -5.73 13.06
C THR A 30 -10.97 -4.67 11.99
N PHE A 31 -11.52 -3.49 12.30
CA PHE A 31 -11.55 -2.39 11.34
C PHE A 31 -10.17 -1.90 10.99
N VAL A 32 -9.38 -1.52 11.99
CA VAL A 32 -8.05 -1.01 11.66
C VAL A 32 -7.19 -2.03 10.91
N LYS A 33 -7.33 -3.32 11.23
CA LYS A 33 -6.48 -4.31 10.61
C LYS A 33 -6.76 -4.62 9.12
N ARG A 34 -7.82 -4.06 8.56
CA ARG A 34 -8.14 -4.26 7.15
C ARG A 34 -7.01 -3.74 6.28
N HIS A 35 -6.35 -2.70 6.77
CA HIS A 35 -5.28 -2.04 6.03
C HIS A 35 -3.99 -2.84 6.18
N LEU A 36 -3.57 -3.49 5.11
CA LEU A 36 -2.53 -4.51 5.22
C LEU A 36 -1.18 -3.97 5.62
N THR A 37 -0.78 -2.84 5.02
CA THR A 37 0.51 -2.25 5.39
C THR A 37 0.44 -1.65 6.79
N GLY A 38 -0.71 -1.08 7.14
CA GLY A 38 -0.95 -0.59 8.48
C GLY A 38 -0.73 -1.70 9.51
N GLU A 39 -1.10 -2.92 9.15
CA GLU A 39 -0.93 -4.02 10.08
C GLU A 39 0.54 -4.49 10.06
N SER A 40 1.14 -4.59 8.88
CA SER A 40 2.52 -5.06 8.80
C SER A 40 3.53 -4.10 9.43
N GLU A 41 3.19 -2.82 9.48
CA GLU A 41 4.12 -1.79 9.98
C GLU A 41 3.64 -1.20 11.31
N LYS A 42 2.71 -1.88 11.97
CA LYS A 42 2.19 -1.40 13.24
C LYS A 42 3.28 -1.38 14.31
N LYS A 43 3.12 -0.49 15.27
CA LYS A 43 4.09 -0.32 16.34
C LYS A 43 3.41 -0.47 17.69
N TYR A 44 3.96 -1.31 18.55
CA TYR A 44 3.39 -1.51 19.88
C TYR A 44 3.97 -0.50 20.85
N VAL A 45 3.10 0.12 21.63
CA VAL A 45 3.50 1.11 22.61
C VAL A 45 3.21 0.50 23.97
N ALA A 46 4.26 -0.07 24.56
CA ALA A 46 4.11 -0.92 25.74
C ALA A 46 3.52 -0.18 26.94
N THR A 47 3.91 1.08 27.12
CA THR A 47 3.47 1.84 28.29
C THR A 47 1.96 2.03 28.35
N LEU A 48 1.34 2.26 27.19
CA LEU A 48 -0.11 2.49 27.14
C LEU A 48 -0.87 1.26 26.65
N GLY A 49 -0.14 0.23 26.23
CA GLY A 49 -0.77 -0.96 25.68
C GLY A 49 -1.60 -0.59 24.48
N VAL A 50 -0.95 0.00 23.49
CA VAL A 50 -1.61 0.46 22.28
C VAL A 50 -0.80 -0.03 21.10
N GLU A 51 -1.47 -0.28 19.98
CA GLU A 51 -0.78 -0.55 18.71
C GLU A 51 -1.11 0.60 17.78
N VAL A 52 -0.07 1.22 17.22
CA VAL A 52 -0.29 2.33 16.31
C VAL A 52 -0.11 1.81 14.88
N HIS A 53 -1.17 1.89 14.08
CA HIS A 53 -1.13 1.40 12.71
C HIS A 53 -0.93 2.57 11.74
N PRO A 54 0.19 2.58 11.01
CA PRO A 54 0.35 3.71 10.09
C PRO A 54 -0.36 3.42 8.77
N LEU A 55 -1.49 4.09 8.55
CA LEU A 55 -2.33 3.83 7.39
C LEU A 55 -2.10 4.92 6.36
N VAL A 56 -1.38 4.60 5.29
CA VAL A 56 -1.17 5.54 4.22
C VAL A 56 -2.31 5.46 3.21
N PHE A 57 -2.81 6.62 2.82
CA PHE A 57 -3.75 6.74 1.70
C PHE A 57 -3.17 7.66 0.64
N HIS A 58 -3.28 7.29 -0.63
CA HIS A 58 -2.75 8.13 -1.69
C HIS A 58 -3.83 9.06 -2.22
N THR A 59 -3.62 10.36 -2.06
CA THR A 59 -4.62 11.35 -2.48
C THR A 59 -4.15 12.05 -3.74
N ASN A 60 -5.04 12.85 -4.32
CA ASN A 60 -4.65 13.56 -5.53
C ASN A 60 -3.55 14.57 -5.24
N ARG A 61 -3.39 14.90 -3.96
CA ARG A 61 -2.33 15.81 -3.55
C ARG A 61 -1.17 15.14 -2.82
N GLY A 62 -1.07 13.82 -2.96
CA GLY A 62 0.04 13.09 -2.35
C GLY A 62 -0.42 12.18 -1.22
N PRO A 63 0.53 11.52 -0.57
CA PRO A 63 0.23 10.59 0.53
C PRO A 63 -0.20 11.33 1.80
N ILE A 64 -1.17 10.75 2.51
CA ILE A 64 -1.53 11.18 3.84
C ILE A 64 -1.47 9.93 4.69
N LYS A 65 -0.83 10.04 5.85
CA LYS A 65 -0.70 8.90 6.73
C LYS A 65 -1.50 9.14 8.00
N PHE A 66 -2.44 8.24 8.30
CA PHE A 66 -3.15 8.29 9.57
C PHE A 66 -2.57 7.26 10.52
N ASN A 67 -1.97 7.73 11.60
CA ASN A 67 -1.43 6.83 12.60
C ASN A 67 -2.56 6.48 13.57
N VAL A 68 -3.14 5.31 13.37
CA VAL A 68 -4.35 4.93 14.09
C VAL A 68 -4.01 4.20 15.39
N TRP A 69 -4.51 4.73 16.50
CA TRP A 69 -4.22 4.18 17.82
C TRP A 69 -5.34 3.20 18.17
N ASP A 70 -5.01 1.93 18.25
CA ASP A 70 -5.98 0.88 18.59
C ASP A 70 -5.62 0.35 19.97
N THR A 71 -6.62 0.19 20.84
CA THR A 71 -6.38 -0.32 22.17
C THR A 71 -6.07 -1.80 22.16
N ALA A 72 -5.72 -2.29 23.34
CA ALA A 72 -5.55 -3.71 23.60
C ALA A 72 -6.66 -4.22 24.53
N GLY A 73 -7.84 -3.63 24.40
CA GLY A 73 -9.03 -4.14 25.09
C GLY A 73 -9.37 -3.47 26.39
N GLN A 74 -8.50 -2.58 26.86
CA GLN A 74 -8.68 -1.91 28.15
C GLN A 74 -9.95 -1.10 28.23
N GLU A 75 -10.52 -0.73 27.07
CA GLU A 75 -11.78 0.04 27.11
C GLU A 75 -12.92 -0.71 27.79
N LYS A 76 -12.77 -2.03 27.91
CA LYS A 76 -13.79 -2.85 28.55
C LYS A 76 -13.89 -2.56 30.05
N PHE A 77 -12.85 -1.95 30.62
CA PHE A 77 -12.77 -1.82 32.06
C PHE A 77 -12.88 -0.38 32.55
N GLY A 78 -13.14 0.53 31.63
CA GLY A 78 -13.29 1.93 31.98
C GLY A 78 -12.68 2.81 30.92
N GLY A 79 -12.56 4.10 31.24
CA GLY A 79 -12.04 5.08 30.30
C GLY A 79 -10.56 4.90 30.01
N LEU A 80 -10.14 5.36 28.84
CA LEU A 80 -8.74 5.29 28.46
C LEU A 80 -7.92 6.38 29.14
N ARG A 81 -6.62 6.13 29.30
CA ARG A 81 -5.74 7.07 29.99
C ARG A 81 -5.45 8.28 29.11
N ASP A 82 -5.08 9.40 29.76
CA ASP A 82 -4.80 10.65 29.04
C ASP A 82 -3.81 10.45 27.89
N GLY A 83 -2.78 9.64 28.13
CA GLY A 83 -1.74 9.44 27.14
C GLY A 83 -2.24 8.84 25.84
N TYR A 84 -3.35 8.13 25.93
CA TYR A 84 -3.94 7.55 24.73
C TYR A 84 -4.45 8.66 23.81
N TYR A 85 -5.07 9.66 24.42
CA TYR A 85 -5.75 10.72 23.69
C TYR A 85 -4.82 11.85 23.25
N ILE A 86 -3.69 11.98 23.93
CA ILE A 86 -2.88 13.19 23.82
C ILE A 86 -2.30 13.38 22.41
N GLN A 87 -2.45 14.60 21.90
CA GLN A 87 -1.97 14.96 20.58
C GLN A 87 -2.79 14.32 19.46
N ALA A 88 -3.93 13.74 19.79
CA ALA A 88 -4.82 13.26 18.73
C ALA A 88 -5.18 14.44 17.86
N GLN A 89 -5.24 14.23 16.56
CA GLN A 89 -5.60 15.28 15.64
C GLN A 89 -6.93 14.99 14.99
N CYS A 90 -7.41 13.76 15.19
CA CYS A 90 -8.71 13.37 14.67
C CYS A 90 -9.09 12.06 15.32
N ALA A 91 -10.31 11.60 15.07
CA ALA A 91 -10.80 10.40 15.76
C ALA A 91 -11.95 9.76 15.00
N ILE A 92 -12.12 8.47 15.24
CA ILE A 92 -13.30 7.74 14.80
C ILE A 92 -13.90 7.15 16.07
N ILE A 93 -15.20 7.35 16.25
CA ILE A 93 -15.92 6.73 17.34
C ILE A 93 -16.80 5.64 16.76
N MET A 94 -16.59 4.41 17.20
CA MET A 94 -17.27 3.29 16.61
C MET A 94 -18.34 2.74 17.54
N PHE A 95 -19.46 2.31 16.98
CA PHE A 95 -20.41 1.50 17.73
C PHE A 95 -20.82 0.32 16.87
N ASP A 96 -21.56 -0.60 17.45
CA ASP A 96 -21.98 -1.82 16.77
C ASP A 96 -23.50 -1.72 16.56
N VAL A 97 -23.92 -1.77 15.30
CA VAL A 97 -25.33 -1.57 14.96
C VAL A 97 -26.20 -2.74 15.42
N THR A 98 -25.56 -3.76 15.97
CA THR A 98 -26.30 -4.88 16.56
C THR A 98 -26.42 -4.76 18.08
N SER A 99 -25.72 -3.80 18.68
CA SER A 99 -25.77 -3.63 20.13
C SER A 99 -26.15 -2.21 20.55
N ARG A 100 -27.41 -2.02 20.92
CA ARG A 100 -27.92 -0.70 21.21
C ARG A 100 -27.13 0.01 22.31
N VAL A 101 -26.63 -0.75 23.27
CA VAL A 101 -25.87 -0.17 24.37
C VAL A 101 -24.58 0.49 23.87
N THR A 102 -24.00 -0.04 22.80
CA THR A 102 -22.78 0.56 22.27
C THR A 102 -23.08 1.95 21.69
N TYR A 103 -24.28 2.12 21.14
CA TYR A 103 -24.67 3.45 20.65
C TYR A 103 -24.99 4.40 21.81
N LYS A 104 -25.63 3.86 22.86
CA LYS A 104 -25.95 4.63 24.06
C LYS A 104 -24.69 5.21 24.70
N ASN A 105 -23.59 4.47 24.60
CA ASN A 105 -22.28 4.89 25.13
C ASN A 105 -21.47 5.86 24.26
N VAL A 106 -21.93 6.13 23.04
CA VAL A 106 -21.23 7.04 22.14
C VAL A 106 -21.04 8.44 22.76
N PRO A 107 -22.11 8.98 23.39
CA PRO A 107 -21.92 10.29 24.01
C PRO A 107 -20.83 10.27 25.08
N ASN A 108 -20.68 9.15 25.79
CA ASN A 108 -19.60 9.03 26.78
C ASN A 108 -18.20 9.10 26.14
N TRP A 109 -18.00 8.31 25.08
CA TRP A 109 -16.74 8.36 24.33
C TRP A 109 -16.46 9.77 23.81
N HIS A 110 -17.47 10.41 23.25
CA HIS A 110 -17.30 11.76 22.73
C HIS A 110 -16.86 12.72 23.83
N ARG A 111 -17.51 12.64 24.99
CA ARG A 111 -17.12 13.45 26.13
C ARG A 111 -15.66 13.24 26.54
N ASP A 112 -15.28 11.97 26.74
CA ASP A 112 -13.92 11.63 27.17
C ASP A 112 -12.91 12.13 26.16
N LEU A 113 -13.28 12.02 24.89
CA LEU A 113 -12.44 12.46 23.79
C LEU A 113 -12.22 13.97 23.80
N VAL A 114 -13.32 14.72 23.79
CA VAL A 114 -13.27 16.17 23.69
C VAL A 114 -12.70 16.80 24.97
N ARG A 115 -12.80 16.08 26.09
CA ARG A 115 -12.19 16.55 27.33
C ARG A 115 -10.69 16.75 27.15
N VAL A 116 -10.06 15.83 26.41
CA VAL A 116 -8.61 15.89 26.22
C VAL A 116 -8.20 16.61 24.92
N CYS A 117 -9.03 16.49 23.88
CA CYS A 117 -8.61 16.89 22.54
C CYS A 117 -9.28 18.15 21.98
N GLU A 118 -10.41 18.55 22.55
CA GLU A 118 -11.12 19.76 22.08
C GLU A 118 -11.58 19.68 20.61
N ASN A 119 -11.09 20.65 19.86
CA ASN A 119 -11.49 20.97 18.48
C ASN A 119 -11.72 19.85 17.46
N ILE A 120 -11.02 18.74 17.62
CA ILE A 120 -10.73 17.87 16.48
C ILE A 120 -11.91 17.30 15.69
N PRO A 121 -11.69 17.03 14.39
CA PRO A 121 -12.66 16.38 13.50
C PRO A 121 -12.89 14.93 13.94
N ILE A 122 -14.16 14.50 13.92
CA ILE A 122 -14.52 13.19 14.42
C ILE A 122 -15.55 12.55 13.52
N VAL A 123 -15.36 11.29 13.14
CA VAL A 123 -16.36 10.58 12.38
C VAL A 123 -17.00 9.53 13.28
N LEU A 124 -18.32 9.38 13.16
CA LEU A 124 -19.03 8.35 13.90
C LEU A 124 -19.31 7.19 12.95
N CYS A 125 -18.95 5.99 13.37
CA CYS A 125 -19.11 4.82 12.51
C CYS A 125 -19.96 3.75 13.17
N GLY A 126 -21.02 3.34 12.49
CA GLY A 126 -21.83 2.22 12.94
C GLY A 126 -21.32 0.99 12.22
N ASN A 127 -20.67 0.09 12.96
CA ASN A 127 -20.05 -1.09 12.37
C ASN A 127 -20.95 -2.34 12.39
N LYS A 128 -20.59 -3.31 11.57
CA LYS A 128 -21.27 -4.61 11.48
C LYS A 128 -22.57 -4.58 10.69
N VAL A 129 -22.68 -3.66 9.73
CA VAL A 129 -23.93 -3.54 8.98
C VAL A 129 -24.15 -4.71 7.99
N ASP A 130 -23.19 -5.63 7.96
CA ASP A 130 -23.35 -6.84 7.15
C ASP A 130 -24.32 -7.82 7.83
N ILE A 131 -24.55 -7.62 9.12
CA ILE A 131 -25.45 -8.50 9.88
C ILE A 131 -26.91 -8.16 9.60
N LYS A 132 -27.67 -9.15 9.15
CA LYS A 132 -29.04 -8.90 8.73
C LYS A 132 -29.89 -8.29 9.85
N ASP A 133 -29.88 -8.91 11.02
CA ASP A 133 -30.71 -8.43 12.12
C ASP A 133 -30.14 -7.19 12.78
N ARG A 134 -30.29 -6.06 12.11
CA ARG A 134 -29.75 -4.79 12.57
C ARG A 134 -30.65 -4.17 13.63
N LYS A 135 -30.06 -3.68 14.71
CA LYS A 135 -30.84 -3.13 15.82
C LYS A 135 -30.86 -1.60 15.83
N VAL A 136 -29.72 -0.99 15.56
CA VAL A 136 -29.61 0.46 15.53
C VAL A 136 -29.68 0.94 14.09
N LYS A 137 -30.85 1.38 13.67
CA LYS A 137 -31.08 1.75 12.27
C LYS A 137 -30.91 3.26 12.04
N ALA A 138 -30.92 3.66 10.78
CA ALA A 138 -30.65 5.04 10.40
C ALA A 138 -31.48 6.08 11.17
N LYS A 139 -32.76 5.80 11.38
CA LYS A 139 -33.64 6.76 12.02
C LYS A 139 -33.28 7.03 13.49
N SER A 140 -32.50 6.13 14.09
CA SER A 140 -32.15 6.25 15.49
C SER A 140 -30.77 6.85 15.70
N ILE A 141 -30.00 6.96 14.62
CA ILE A 141 -28.64 7.48 14.70
C ILE A 141 -28.64 8.99 14.54
N VAL A 142 -28.51 9.70 15.65
CA VAL A 142 -28.77 11.13 15.71
C VAL A 142 -27.60 11.91 16.30
N PHE A 143 -26.77 11.23 17.09
CA PHE A 143 -25.73 11.89 17.85
C PHE A 143 -24.84 12.81 16.99
N HIS A 144 -24.48 12.35 15.79
CA HIS A 144 -23.62 13.15 14.94
C HIS A 144 -24.29 14.47 14.59
N ARG A 145 -25.57 14.41 14.27
CA ARG A 145 -26.31 15.61 13.90
C ARG A 145 -26.36 16.60 15.06
N LYS A 146 -26.51 16.06 16.28
CA LYS A 146 -26.53 16.87 17.50
C LYS A 146 -25.19 17.56 17.72
N LYS A 147 -24.11 16.99 17.19
CA LYS A 147 -22.79 17.51 17.51
C LYS A 147 -21.92 17.87 16.30
N ASN A 148 -22.55 17.98 15.13
CA ASN A 148 -21.85 18.41 13.92
C ASN A 148 -20.77 17.41 13.47
N LEU A 149 -21.02 16.12 13.70
CA LEU A 149 -20.10 15.06 13.29
C LEU A 149 -20.58 14.41 12.01
N GLN A 150 -19.68 13.76 11.28
CA GLN A 150 -20.08 13.01 10.10
C GLN A 150 -20.35 11.56 10.51
N TYR A 151 -21.36 10.94 9.93
CA TYR A 151 -21.65 9.54 10.24
C TYR A 151 -21.50 8.65 8.99
N TYR A 152 -20.95 7.44 9.16
CA TYR A 152 -20.98 6.38 8.13
C TYR A 152 -21.37 5.02 8.72
N ASP A 153 -22.20 4.28 8.00
CA ASP A 153 -22.34 2.85 8.21
C ASP A 153 -21.03 2.22 7.70
N ILE A 154 -20.52 1.23 8.42
CA ILE A 154 -19.39 0.45 7.92
C ILE A 154 -19.58 -1.03 8.23
N SER A 155 -18.78 -1.85 7.58
CA SER A 155 -18.67 -3.27 7.95
C SER A 155 -17.20 -3.62 7.79
N ALA A 156 -16.49 -3.66 8.90
CA ALA A 156 -15.08 -3.99 8.88
C ALA A 156 -14.84 -5.32 8.15
N LYS A 157 -15.67 -6.33 8.43
CA LYS A 157 -15.46 -7.67 7.87
C LYS A 157 -15.60 -7.77 6.36
N SER A 158 -16.34 -6.84 5.75
CA SER A 158 -16.52 -6.81 4.29
C SER A 158 -15.82 -5.64 3.59
N ASN A 159 -15.13 -4.80 4.37
CA ASN A 159 -14.50 -3.59 3.82
C ASN A 159 -15.50 -2.53 3.40
N TYR A 160 -16.77 -2.75 3.75
CA TYR A 160 -17.81 -1.81 3.32
C TYR A 160 -17.58 -0.41 3.89
N ASN A 161 -17.45 0.55 2.98
CA ASN A 161 -17.26 1.95 3.35
C ASN A 161 -15.96 2.21 4.10
N PHE A 162 -14.98 1.30 3.96
CA PHE A 162 -13.74 1.42 4.71
C PHE A 162 -13.08 2.79 4.59
N GLU A 163 -13.00 3.30 3.36
CA GLU A 163 -12.24 4.52 3.12
C GLU A 163 -12.99 5.78 3.56
N LYS A 164 -14.31 5.68 3.73
CA LYS A 164 -15.15 6.88 3.90
C LYS A 164 -14.71 7.77 5.07
N PRO A 165 -14.53 7.19 6.26
CA PRO A 165 -14.15 8.03 7.40
C PRO A 165 -12.81 8.72 7.18
N PHE A 166 -11.86 8.00 6.59
CA PHE A 166 -10.56 8.59 6.33
C PHE A 166 -10.63 9.71 5.32
N LEU A 167 -11.46 9.54 4.29
CA LEU A 167 -11.52 10.56 3.26
C LEU A 167 -12.18 11.81 3.85
N TRP A 168 -13.24 11.64 4.64
CA TRP A 168 -13.90 12.79 5.24
C TRP A 168 -12.90 13.53 6.15
N LEU A 169 -12.20 12.78 7.00
CA LEU A 169 -11.18 13.38 7.88
C LEU A 169 -10.07 14.09 7.12
N ALA A 170 -9.62 13.51 6.02
CA ALA A 170 -8.54 14.11 5.25
C ALA A 170 -8.98 15.45 4.71
N ARG A 171 -10.19 15.48 4.14
CA ARG A 171 -10.72 16.72 3.59
C ARG A 171 -10.81 17.79 4.66
N LYS A 172 -11.18 17.38 5.87
CA LYS A 172 -11.34 18.34 6.96
C LYS A 172 -10.00 18.87 7.46
N LEU A 173 -9.04 17.96 7.62
CA LEU A 173 -7.74 18.33 8.16
C LEU A 173 -6.94 19.16 7.18
N ILE A 174 -6.98 18.77 5.91
CA ILE A 174 -6.21 19.44 4.87
C ILE A 174 -6.89 20.73 4.42
N GLY A 175 -8.19 20.82 4.63
CA GLY A 175 -8.94 22.00 4.23
C GLY A 175 -9.15 22.01 2.72
N ASP A 176 -9.44 20.84 2.15
CA ASP A 176 -9.67 20.75 0.70
C ASP A 176 -10.85 19.84 0.43
N PRO A 177 -12.01 20.43 0.12
CA PRO A 177 -13.24 19.65 -0.05
C PRO A 177 -13.21 18.77 -1.31
N ASN A 178 -12.24 19.01 -2.19
CA ASN A 178 -12.15 18.27 -3.44
C ASN A 178 -11.06 17.20 -3.42
N LEU A 179 -10.48 16.98 -2.24
CA LEU A 179 -9.48 15.93 -2.09
C LEU A 179 -10.09 14.59 -2.42
N GLU A 180 -9.35 13.75 -3.14
CA GLU A 180 -9.82 12.42 -3.48
C GLU A 180 -8.70 11.42 -3.19
N PHE A 181 -9.07 10.17 -2.94
CA PHE A 181 -8.08 9.10 -2.92
C PHE A 181 -7.89 8.61 -4.34
N VAL A 182 -6.65 8.53 -4.80
CA VAL A 182 -6.39 8.11 -6.17
C VAL A 182 -6.68 6.61 -6.34
N ALA A 183 -6.46 5.85 -5.28
CA ALA A 183 -6.77 4.42 -5.29
C ALA A 183 -7.07 3.95 -3.87
N MET A 184 -7.78 2.84 -3.74
CA MET A 184 -7.97 2.24 -2.43
C MET A 184 -6.66 1.61 -1.95
N PRO A 185 -6.41 1.64 -0.63
CA PRO A 185 -5.25 0.93 -0.08
C PRO A 185 -5.48 -0.55 -0.25
N ALA A 186 -4.41 -1.33 -0.17
CA ALA A 186 -4.55 -2.77 -0.26
C ALA A 186 -5.17 -3.25 1.05
N LEU A 187 -6.31 -3.91 0.96
CA LEU A 187 -7.07 -4.37 2.13
C LEU A 187 -7.14 -5.87 2.18
N ALA A 188 -7.27 -6.43 3.38
CA ALA A 188 -7.57 -7.84 3.53
C ALA A 188 -8.87 -8.12 2.79
N PRO A 189 -8.92 -9.23 2.04
CA PRO A 189 -10.11 -9.60 1.27
C PRO A 189 -11.32 -9.73 2.17
N PRO A 190 -12.50 -9.36 1.67
CA PRO A 190 -13.71 -9.45 2.51
C PRO A 190 -13.91 -10.86 3.06
N GLU A 191 -14.20 -10.97 4.35
CA GLU A 191 -14.46 -12.26 4.97
C GLU A 191 -15.94 -12.60 4.90
N VAL A 192 -16.76 -11.57 4.80
CA VAL A 192 -18.19 -11.74 4.59
C VAL A 192 -18.62 -10.86 3.44
N VAL A 193 -19.69 -11.25 2.77
CA VAL A 193 -20.22 -10.45 1.67
C VAL A 193 -21.20 -9.40 2.17
N MET A 194 -21.01 -8.15 1.74
CA MET A 194 -21.98 -7.10 2.03
C MET A 194 -22.94 -7.00 0.84
N ASP A 195 -24.15 -7.52 1.03
CA ASP A 195 -25.16 -7.54 -0.02
C ASP A 195 -25.38 -6.15 -0.61
N PRO A 196 -25.11 -6.00 -1.91
CA PRO A 196 -25.19 -4.70 -2.58
C PRO A 196 -26.57 -4.05 -2.43
N ALA A 197 -27.63 -4.86 -2.49
CA ALA A 197 -28.98 -4.36 -2.30
C ALA A 197 -29.16 -3.80 -0.90
N LEU A 198 -28.70 -4.55 0.09
CA LEU A 198 -28.79 -4.13 1.48
C LEU A 198 -28.05 -2.80 1.65
N ALA A 199 -26.85 -2.72 1.09
CA ALA A 199 -26.06 -1.51 1.17
C ALA A 199 -26.81 -0.33 0.55
N ALA A 200 -27.46 -0.57 -0.59
CA ALA A 200 -28.23 0.47 -1.26
C ALA A 200 -29.35 0.99 -0.38
N GLN A 201 -30.06 0.06 0.25
CA GLN A 201 -31.16 0.39 1.16
C GLN A 201 -30.67 1.22 2.35
N TYR A 202 -29.58 0.80 2.96
CA TYR A 202 -29.05 1.52 4.12
C TYR A 202 -28.63 2.94 3.75
N GLU A 203 -28.08 3.10 2.56
CA GLU A 203 -27.61 4.40 2.11
C GLU A 203 -28.82 5.31 1.91
N HIS A 204 -29.87 4.78 1.28
CA HIS A 204 -31.11 5.52 1.13
C HIS A 204 -31.71 5.87 2.50
N ASP A 205 -31.78 4.88 3.39
CA ASP A 205 -32.35 5.09 4.72
C ASP A 205 -31.65 6.23 5.46
N LEU A 206 -30.34 6.33 5.31
CA LEU A 206 -29.59 7.43 5.90
C LEU A 206 -29.94 8.77 5.26
N GLU A 207 -30.10 8.77 3.93
CA GLU A 207 -30.55 9.98 3.23
C GLU A 207 -31.90 10.45 3.74
N VAL A 208 -32.86 9.54 3.79
CA VAL A 208 -34.18 9.85 4.30
C VAL A 208 -34.09 10.39 5.72
N ALA A 209 -33.29 9.73 6.55
CA ALA A 209 -33.12 10.14 7.94
C ALA A 209 -32.51 11.53 8.01
N GLN A 210 -31.58 11.82 7.11
CA GLN A 210 -30.89 13.11 7.13
C GLN A 210 -31.83 14.27 6.82
N THR A 211 -32.75 14.04 5.88
CA THR A 211 -33.69 15.08 5.48
C THR A 211 -34.85 15.18 6.47
N THR A 212 -34.96 14.20 7.36
CA THR A 212 -36.05 14.14 8.32
C THR A 212 -35.73 14.92 9.59
N ALA A 213 -36.77 15.44 10.24
CA ALA A 213 -36.68 15.94 11.61
C ALA A 213 -35.48 16.86 11.85
N GLY B 6 15.59 20.72 17.42
CA GLY B 6 14.21 21.13 17.31
C GLY B 6 13.23 20.06 17.76
N SER B 7 12.04 20.06 17.18
CA SER B 7 11.02 19.07 17.52
C SER B 7 11.45 17.68 17.06
N TRP B 8 10.90 16.65 17.68
CA TRP B 8 11.29 15.29 17.36
C TRP B 8 10.10 14.33 17.39
N ASP B 9 10.04 13.45 16.39
CA ASP B 9 8.98 12.46 16.32
C ASP B 9 9.35 11.25 17.15
N CYS B 10 8.43 10.81 18.00
CA CYS B 10 8.66 9.64 18.81
C CYS B 10 8.75 8.40 17.93
N GLU B 11 9.79 7.61 18.14
CA GLU B 11 9.98 6.41 17.35
C GLU B 11 9.23 5.24 17.97
N VAL B 12 8.62 5.47 19.14
CA VAL B 12 7.77 4.45 19.74
C VAL B 12 6.30 4.60 19.33
N CYS B 13 5.75 5.81 19.43
CA CYS B 13 4.33 6.01 19.15
C CYS B 13 4.03 7.02 18.02
N LEU B 14 5.07 7.67 17.53
CA LEU B 14 4.98 8.56 16.36
C LEU B 14 4.44 9.96 16.64
N VAL B 15 4.15 10.26 17.91
CA VAL B 15 3.65 11.59 18.27
C VAL B 15 4.75 12.65 18.13
N GLN B 16 4.38 13.82 17.61
CA GLN B 16 5.33 14.94 17.50
C GLN B 16 5.53 15.63 18.84
N ASN B 17 6.79 15.80 19.24
CA ASN B 17 7.13 16.43 20.51
C ASN B 17 7.94 17.72 20.37
N LYS B 18 7.90 18.56 21.40
CA LYS B 18 8.66 19.81 21.41
C LYS B 18 10.15 19.54 21.58
N ALA B 19 10.97 20.55 21.32
CA ALA B 19 12.40 20.44 21.52
C ALA B 19 12.70 20.29 23.01
N ASP B 20 11.99 21.06 23.83
CA ASP B 20 12.15 20.99 25.28
C ASP B 20 11.90 19.59 25.81
N SER B 21 10.88 18.93 25.25
CA SER B 21 10.51 17.60 25.69
C SER B 21 11.69 16.64 25.70
N THR B 22 11.95 16.03 26.86
CA THR B 22 12.97 15.01 26.98
C THR B 22 12.36 13.63 26.76
N LYS B 23 11.08 13.51 27.12
CA LYS B 23 10.32 12.27 26.91
C LYS B 23 9.01 12.56 26.19
N CYS B 24 8.43 11.54 25.58
CA CYS B 24 7.19 11.71 24.81
C CYS B 24 6.01 12.11 25.69
N ILE B 25 5.30 13.15 25.28
CA ILE B 25 4.14 13.65 26.03
C ILE B 25 3.04 12.59 26.10
N ALA B 26 3.05 11.69 25.12
CA ALA B 26 2.04 10.65 25.03
C ALA B 26 2.44 9.42 25.84
N CYS B 27 3.52 8.77 25.40
CA CYS B 27 3.86 7.41 25.86
C CYS B 27 5.03 7.35 26.84
N GLU B 28 5.61 8.51 27.15
CA GLU B 28 6.67 8.60 28.15
C GLU B 28 8.01 8.05 27.67
N SER B 29 8.05 7.60 26.41
CA SER B 29 9.29 7.07 25.85
C SER B 29 10.35 8.17 25.78
N ALA B 30 11.61 7.79 26.00
CA ALA B 30 12.71 8.76 25.97
C ALA B 30 13.00 9.18 24.53
N LYS B 31 13.49 10.42 24.37
CA LYS B 31 13.80 10.97 23.06
C LYS B 31 14.63 10.02 22.21
N GLN C 13 12.71 -7.91 7.97
CA GLN C 13 11.96 -7.55 6.76
C GLN C 13 12.56 -8.26 5.54
N VAL C 14 11.70 -8.89 4.75
CA VAL C 14 12.15 -9.59 3.55
C VAL C 14 12.16 -8.61 2.38
N GLN C 15 13.35 -8.35 1.83
CA GLN C 15 13.49 -7.45 0.69
C GLN C 15 14.56 -7.98 -0.28
N PHE C 16 14.37 -7.63 -1.55
CA PHE C 16 15.22 -8.08 -2.64
C PHE C 16 15.50 -6.90 -3.56
N LYS C 17 16.75 -6.74 -3.98
CA LYS C 17 17.08 -5.76 -5.02
C LYS C 17 16.67 -6.33 -6.37
N LEU C 18 15.86 -5.58 -7.11
CA LEU C 18 15.37 -6.03 -8.39
C LEU C 18 15.83 -5.01 -9.40
N VAL C 19 16.57 -5.44 -10.41
CA VAL C 19 16.95 -4.50 -11.45
C VAL C 19 16.02 -4.56 -12.67
N LEU C 20 15.64 -3.40 -13.18
CA LEU C 20 14.69 -3.35 -14.26
C LEU C 20 15.45 -2.79 -15.44
N VAL C 21 15.64 -3.61 -16.48
CA VAL C 21 16.46 -3.18 -17.61
C VAL C 21 15.74 -3.43 -18.92
N GLY C 22 16.30 -2.91 -20.00
CA GLY C 22 15.65 -2.94 -21.30
C GLY C 22 15.95 -1.64 -22.03
N ASP C 23 15.72 -1.63 -23.34
CA ASP C 23 16.01 -0.44 -24.15
C ASP C 23 15.27 0.79 -23.65
N GLY C 24 15.84 1.97 -23.90
CA GLY C 24 15.13 3.20 -23.62
C GLY C 24 13.81 3.21 -24.37
N GLY C 25 12.77 3.72 -23.71
CA GLY C 25 11.49 3.87 -24.35
C GLY C 25 10.56 2.68 -24.27
N THR C 26 11.00 1.64 -23.58
CA THR C 26 10.21 0.42 -23.49
C THR C 26 9.11 0.48 -22.43
N GLY C 27 9.23 1.45 -21.52
CA GLY C 27 8.21 1.71 -20.50
C GLY C 27 8.60 1.31 -19.10
N LYS C 28 9.91 1.24 -18.84
CA LYS C 28 10.36 0.77 -17.52
C LYS C 28 9.90 1.72 -16.43
N THR C 29 10.08 3.02 -16.66
CA THR C 29 9.72 4.01 -15.65
C THR C 29 8.21 4.04 -15.45
N THR C 30 7.47 3.96 -16.55
CA THR C 30 6.02 3.99 -16.50
C THR C 30 5.57 2.77 -15.70
N PHE C 31 6.20 1.63 -15.95
CA PHE C 31 5.86 0.40 -15.24
C PHE C 31 6.11 0.50 -13.73
N VAL C 32 7.33 0.83 -13.32
CA VAL C 32 7.61 0.87 -11.89
C VAL C 32 6.74 1.89 -11.17
N LYS C 33 6.37 2.97 -11.83
CA LYS C 33 5.63 4.03 -11.15
C LYS C 33 4.16 3.71 -10.86
N ARG C 34 3.65 2.60 -11.41
CA ARG C 34 2.27 2.20 -11.18
C ARG C 34 2.03 2.00 -9.69
N HIS C 35 3.07 1.53 -9.00
CA HIS C 35 2.98 1.23 -7.57
C HIS C 35 3.10 2.52 -6.77
N LEU C 36 1.99 2.96 -6.18
CA LEU C 36 1.91 4.32 -5.66
C LEU C 36 2.81 4.58 -4.49
N THR C 37 2.89 3.62 -3.57
CA THR C 37 3.80 3.77 -2.44
C THR C 37 5.26 3.63 -2.86
N GLY C 38 5.51 2.75 -3.82
CA GLY C 38 6.84 2.63 -4.37
C GLY C 38 7.28 3.99 -4.90
N GLU C 39 6.33 4.75 -5.42
CA GLU C 39 6.70 6.04 -6.00
C GLU C 39 6.85 7.10 -4.90
N SER C 40 5.96 7.07 -3.91
CA SER C 40 6.04 8.11 -2.86
C SER C 40 7.25 7.92 -1.95
N GLU C 41 7.77 6.70 -1.87
CA GLU C 41 8.87 6.37 -0.98
C GLU C 41 10.17 6.08 -1.74
N LYS C 42 10.20 6.41 -3.03
CA LYS C 42 11.39 6.14 -3.83
C LYS C 42 12.59 6.91 -3.31
N LYS C 43 13.78 6.35 -3.55
CA LYS C 43 15.03 6.94 -3.07
C LYS C 43 15.92 7.22 -4.25
N TYR C 44 16.45 8.44 -4.35
CA TYR C 44 17.34 8.78 -5.47
C TYR C 44 18.79 8.49 -5.11
N VAL C 45 19.50 7.83 -6.01
CA VAL C 45 20.87 7.45 -5.79
C VAL C 45 21.73 8.28 -6.74
N ALA C 46 22.24 9.40 -6.23
CA ALA C 46 22.85 10.41 -7.08
C ALA C 46 24.06 9.91 -7.85
N THR C 47 24.87 9.07 -7.22
CA THR C 47 26.11 8.59 -7.85
C THR C 47 25.85 7.79 -9.12
N LEU C 48 24.80 6.96 -9.09
CA LEU C 48 24.48 6.11 -10.23
C LEU C 48 23.35 6.66 -11.08
N GLY C 49 22.69 7.71 -10.58
CA GLY C 49 21.55 8.27 -11.28
C GLY C 49 20.44 7.27 -11.39
N VAL C 50 20.01 6.77 -10.24
CA VAL C 50 19.03 5.70 -10.17
C VAL C 50 17.98 6.11 -9.14
N GLU C 51 16.73 5.73 -9.39
CA GLU C 51 15.67 5.85 -8.37
C GLU C 51 15.32 4.44 -7.94
N VAL C 52 15.40 4.18 -6.63
CA VAL C 52 15.05 2.87 -6.11
C VAL C 52 13.64 2.95 -5.53
N HIS C 53 12.71 2.18 -6.10
CA HIS C 53 11.32 2.19 -5.65
C HIS C 53 11.05 0.99 -4.76
N PRO C 54 10.68 1.24 -3.51
CA PRO C 54 10.42 0.08 -2.66
C PRO C 54 8.99 -0.39 -2.81
N LEU C 55 8.79 -1.51 -3.48
CA LEU C 55 7.46 -2.01 -3.78
C LEU C 55 7.14 -3.15 -2.84
N VAL C 56 6.24 -2.90 -1.91
CA VAL C 56 5.77 -3.94 -1.01
C VAL C 56 4.58 -4.67 -1.61
N PHE C 57 4.61 -5.98 -1.52
CA PHE C 57 3.48 -6.84 -1.86
C PHE C 57 3.13 -7.65 -0.63
N HIS C 58 1.84 -7.79 -0.35
CA HIS C 58 1.42 -8.58 0.80
C HIS C 58 1.09 -10.00 0.38
N THR C 59 1.88 -10.96 0.87
CA THR C 59 1.73 -12.36 0.49
C THR C 59 1.08 -13.13 1.63
N ASN C 60 0.65 -14.36 1.34
CA ASN C 60 0.02 -15.18 2.38
C ASN C 60 0.99 -15.47 3.51
N ARG C 61 2.28 -15.25 3.24
CA ARG C 61 3.31 -15.47 4.24
C ARG C 61 3.97 -14.18 4.71
N GLY C 62 3.28 -13.07 4.53
CA GLY C 62 3.81 -11.80 4.99
C GLY C 62 4.24 -10.89 3.85
N PRO C 63 4.64 -9.67 4.19
CA PRO C 63 5.10 -8.67 3.22
C PRO C 63 6.42 -9.08 2.58
N ILE C 64 6.58 -8.80 1.28
CA ILE C 64 7.89 -8.90 0.66
C ILE C 64 8.09 -7.60 -0.08
N LYS C 65 9.29 -7.07 0.01
CA LYS C 65 9.60 -5.80 -0.59
C LYS C 65 10.58 -5.98 -1.75
N PHE C 66 10.18 -5.55 -2.93
CA PHE C 66 11.12 -5.48 -4.06
C PHE C 66 11.63 -4.06 -4.22
N ASN C 67 12.92 -3.89 -4.03
CA ASN C 67 13.54 -2.60 -4.21
C ASN C 67 13.97 -2.48 -5.67
N VAL C 68 13.11 -1.82 -6.45
CA VAL C 68 13.25 -1.78 -7.90
C VAL C 68 14.14 -0.62 -8.37
N TRP C 69 15.21 -0.95 -9.10
CA TRP C 69 16.17 0.05 -9.52
C TRP C 69 15.78 0.52 -10.92
N ASP C 70 15.35 1.76 -11.03
CA ASP C 70 14.97 2.31 -12.33
C ASP C 70 16.02 3.33 -12.76
N THR C 71 16.41 3.28 -14.02
CA THR C 71 17.40 4.22 -14.54
C THR C 71 16.83 5.62 -14.69
N ALA C 72 17.73 6.57 -14.95
CA ALA C 72 17.34 7.91 -15.37
C ALA C 72 17.66 8.12 -16.86
N GLY C 73 17.52 7.06 -17.65
CA GLY C 73 17.57 7.18 -19.09
C GLY C 73 18.92 6.88 -19.71
N GLN C 74 19.92 6.59 -18.88
CA GLN C 74 21.29 6.41 -19.36
C GLN C 74 21.42 5.18 -20.25
N GLU C 75 20.46 4.26 -20.19
CA GLU C 75 20.52 3.07 -21.07
C GLU C 75 20.48 3.44 -22.55
N LYS C 76 20.06 4.67 -22.84
CA LYS C 76 20.01 5.14 -24.21
C LYS C 76 21.41 5.28 -24.82
N PHE C 77 22.42 5.38 -23.97
CA PHE C 77 23.74 5.76 -24.44
C PHE C 77 24.79 4.65 -24.29
N GLY C 78 24.37 3.49 -23.80
CA GLY C 78 25.25 2.36 -23.68
C GLY C 78 24.87 1.52 -22.49
N GLY C 79 25.73 0.57 -22.16
CA GLY C 79 25.48 -0.32 -21.04
C GLY C 79 25.48 0.40 -19.70
N LEU C 80 24.84 -0.22 -18.71
CA LEU C 80 24.78 0.34 -17.38
C LEU C 80 26.04 -0.02 -16.60
N ARG C 81 26.41 0.82 -15.65
CA ARG C 81 27.62 0.62 -14.86
C ARG C 81 27.46 -0.57 -13.89
N ASP C 82 28.58 -1.15 -13.47
CA ASP C 82 28.57 -2.31 -12.58
C ASP C 82 27.73 -2.05 -11.32
N GLY C 83 27.86 -0.86 -10.75
CA GLY C 83 27.17 -0.52 -9.52
C GLY C 83 25.65 -0.63 -9.64
N TYR C 84 25.13 -0.43 -10.84
CA TYR C 84 23.70 -0.57 -11.05
C TYR C 84 23.29 -2.03 -10.81
N TYR C 85 24.10 -2.94 -11.32
CA TYR C 85 23.75 -4.36 -11.27
C TYR C 85 24.10 -5.04 -9.96
N ILE C 86 25.09 -4.51 -9.26
CA ILE C 86 25.70 -5.23 -8.14
C ILE C 86 24.69 -5.57 -7.05
N GLN C 87 24.77 -6.81 -6.58
CA GLN C 87 23.89 -7.30 -5.51
C GLN C 87 22.44 -7.43 -5.93
N ALA C 88 22.14 -7.33 -7.23
CA ALA C 88 20.79 -7.63 -7.69
C ALA C 88 20.48 -9.07 -7.32
N GLN C 89 19.23 -9.33 -6.91
CA GLN C 89 18.83 -10.67 -6.52
C GLN C 89 17.81 -11.20 -7.50
N CYS C 90 17.33 -10.31 -8.37
CA CYS C 90 16.37 -10.68 -9.39
C CYS C 90 16.27 -9.54 -10.39
N ALA C 91 15.55 -9.76 -11.49
CA ALA C 91 15.47 -8.76 -12.56
C ALA C 91 14.24 -8.95 -13.43
N ILE C 92 13.84 -7.87 -14.09
CA ILE C 92 12.86 -7.91 -15.13
C ILE C 92 13.55 -7.26 -16.31
N ILE C 93 13.50 -7.92 -17.45
CA ILE C 93 14.01 -7.37 -18.70
C ILE C 93 12.79 -7.02 -19.52
N MET C 94 12.68 -5.76 -19.92
CA MET C 94 11.48 -5.31 -20.60
C MET C 94 11.79 -5.01 -22.06
N PHE C 95 10.84 -5.30 -22.94
CA PHE C 95 10.91 -4.78 -24.30
C PHE C 95 9.54 -4.23 -24.66
N ASP C 96 9.42 -3.63 -25.84
CA ASP C 96 8.20 -2.96 -26.27
C ASP C 96 7.66 -3.80 -27.43
N VAL C 97 6.44 -4.32 -27.31
CA VAL C 97 5.91 -5.21 -28.34
C VAL C 97 5.60 -4.46 -29.63
N THR C 98 5.77 -3.14 -29.61
CA THR C 98 5.57 -2.33 -30.81
C THR C 98 6.90 -1.94 -31.47
N SER C 99 8.00 -2.38 -30.88
CA SER C 99 9.34 -2.05 -31.43
C SER C 99 10.23 -3.29 -31.48
N ARG C 100 10.33 -3.88 -32.67
CA ARG C 100 11.06 -5.13 -32.81
C ARG C 100 12.50 -5.01 -32.35
N VAL C 101 13.12 -3.86 -32.57
CA VAL C 101 14.51 -3.72 -32.17
C VAL C 101 14.68 -3.86 -30.65
N THR C 102 13.66 -3.49 -29.87
CA THR C 102 13.78 -3.63 -28.43
C THR C 102 13.84 -5.12 -28.02
N TYR C 103 13.16 -5.97 -28.79
CA TYR C 103 13.22 -7.40 -28.52
C TYR C 103 14.55 -7.98 -29.00
N LYS C 104 15.06 -7.46 -30.10
CA LYS C 104 16.35 -7.90 -30.63
C LYS C 104 17.48 -7.64 -29.63
N ASN C 105 17.33 -6.59 -28.83
CA ASN C 105 18.31 -6.22 -27.82
C ASN C 105 18.18 -6.96 -26.47
N VAL C 106 17.11 -7.73 -26.31
CA VAL C 106 16.93 -8.48 -25.07
C VAL C 106 18.13 -9.38 -24.74
N PRO C 107 18.65 -10.11 -25.74
CA PRO C 107 19.83 -10.94 -25.43
C PRO C 107 21.02 -10.13 -24.90
N ASN C 108 21.23 -8.91 -25.40
CA ASN C 108 22.31 -8.06 -24.91
C ASN C 108 22.10 -7.66 -23.44
N TRP C 109 20.87 -7.29 -23.11
CA TRP C 109 20.54 -6.98 -21.71
C TRP C 109 20.77 -8.18 -20.81
N HIS C 110 20.32 -9.35 -21.26
CA HIS C 110 20.50 -10.56 -20.48
C HIS C 110 21.99 -10.84 -20.26
N ARG C 111 22.78 -10.68 -21.31
CA ARG C 111 24.22 -10.88 -21.21
C ARG C 111 24.86 -9.92 -20.20
N ASP C 112 24.53 -8.63 -20.29
CA ASP C 112 25.12 -7.62 -19.43
C ASP C 112 24.73 -7.91 -17.99
N LEU C 113 23.51 -8.39 -17.82
CA LEU C 113 22.94 -8.71 -16.52
C LEU C 113 23.64 -9.89 -15.85
N VAL C 114 23.75 -10.99 -16.57
CA VAL C 114 24.29 -12.22 -15.97
C VAL C 114 25.82 -12.17 -15.90
N ARG C 115 26.44 -11.24 -16.62
CA ARG C 115 27.86 -11.02 -16.49
C ARG C 115 28.18 -10.56 -15.07
N VAL C 116 27.29 -9.77 -14.49
CA VAL C 116 27.49 -9.22 -13.16
C VAL C 116 26.79 -10.03 -12.07
N CYS C 117 25.66 -10.65 -12.40
CA CYS C 117 24.78 -11.22 -11.39
C CYS C 117 24.68 -12.72 -11.47
N GLU C 118 25.14 -13.30 -12.57
CA GLU C 118 25.02 -14.73 -12.80
C GLU C 118 23.56 -15.16 -12.97
N ASN C 119 23.22 -16.26 -12.30
CA ASN C 119 21.97 -16.98 -12.55
C ASN C 119 20.75 -16.56 -11.73
N ILE C 120 20.64 -15.27 -11.39
CA ILE C 120 19.49 -14.81 -10.63
C ILE C 120 18.19 -15.04 -11.40
N PRO C 121 17.04 -15.11 -10.70
CA PRO C 121 15.74 -15.23 -11.36
C PRO C 121 15.39 -13.99 -12.17
N ILE C 122 14.89 -14.19 -13.38
CA ILE C 122 14.64 -13.09 -14.31
C ILE C 122 13.31 -13.32 -15.03
N VAL C 123 12.49 -12.28 -15.13
CA VAL C 123 11.26 -12.35 -15.89
C VAL C 123 11.43 -11.46 -17.11
N LEU C 124 10.91 -11.92 -18.25
CA LEU C 124 10.95 -11.15 -19.49
C LEU C 124 9.55 -10.60 -19.71
N CYS C 125 9.44 -9.29 -19.92
CA CYS C 125 8.14 -8.66 -20.05
C CYS C 125 8.04 -7.91 -21.37
N GLY C 126 7.02 -8.24 -22.15
CA GLY C 126 6.71 -7.48 -23.36
C GLY C 126 5.66 -6.44 -23.01
N ASN C 127 6.08 -5.18 -23.01
CA ASN C 127 5.22 -4.08 -22.59
C ASN C 127 4.47 -3.43 -23.76
N LYS C 128 3.42 -2.69 -23.41
CA LYS C 128 2.60 -1.92 -24.36
C LYS C 128 1.61 -2.77 -25.16
N VAL C 129 1.13 -3.86 -24.58
CA VAL C 129 0.21 -4.75 -25.31
C VAL C 129 -1.19 -4.16 -25.46
N ASP C 130 -1.38 -2.96 -24.91
CA ASP C 130 -2.65 -2.26 -25.09
C ASP C 130 -2.76 -1.67 -26.48
N ILE C 131 -1.62 -1.50 -27.15
CA ILE C 131 -1.62 -0.88 -28.48
C ILE C 131 -2.09 -1.89 -29.54
N LYS C 132 -3.13 -1.53 -30.28
CA LYS C 132 -3.72 -2.47 -31.24
C LYS C 132 -2.71 -3.02 -32.24
N ASP C 133 -1.89 -2.15 -32.81
CA ASP C 133 -0.96 -2.56 -33.86
C ASP C 133 0.29 -3.19 -33.26
N ARG C 134 0.14 -4.41 -32.76
CA ARG C 134 1.24 -5.12 -32.12
C ARG C 134 2.19 -5.71 -33.16
N LYS C 135 3.49 -5.56 -32.94
CA LYS C 135 4.48 -6.02 -33.90
C LYS C 135 5.20 -7.28 -33.44
N VAL C 136 5.54 -7.37 -32.16
CA VAL C 136 6.20 -8.55 -31.63
C VAL C 136 5.16 -9.43 -30.97
N LYS C 137 4.74 -10.48 -31.69
CA LYS C 137 3.66 -11.34 -31.22
C LYS C 137 4.17 -12.59 -30.51
N ALA C 138 3.25 -13.31 -29.86
CA ALA C 138 3.61 -14.49 -29.06
C ALA C 138 4.52 -15.46 -29.81
N LYS C 139 4.24 -15.69 -31.09
CA LYS C 139 5.01 -16.67 -31.85
C LYS C 139 6.47 -16.28 -32.01
N SER C 140 6.75 -14.98 -31.93
CA SER C 140 8.10 -14.48 -32.12
C SER C 140 8.90 -14.39 -30.82
N ILE C 141 8.20 -14.51 -29.69
CA ILE C 141 8.85 -14.33 -28.39
C ILE C 141 9.40 -15.65 -27.86
N VAL C 142 10.71 -15.85 -28.04
CA VAL C 142 11.32 -17.16 -27.85
C VAL C 142 12.50 -17.12 -26.88
N PHE C 143 13.03 -15.93 -26.63
CA PHE C 143 14.25 -15.82 -25.85
C PHE C 143 14.15 -16.47 -24.47
N HIS C 144 12.98 -16.37 -23.85
CA HIS C 144 12.81 -16.89 -22.49
C HIS C 144 12.91 -18.41 -22.46
N ARG C 145 12.44 -19.05 -23.53
CA ARG C 145 12.48 -20.50 -23.62
C ARG C 145 13.92 -20.99 -23.76
N LYS C 146 14.76 -20.15 -24.33
CA LYS C 146 16.17 -20.50 -24.55
C LYS C 146 17.03 -20.34 -23.28
N LYS C 147 16.51 -19.67 -22.26
CA LYS C 147 17.37 -19.20 -21.20
C LYS C 147 16.94 -19.45 -19.74
N ASN C 148 15.81 -20.14 -19.51
CA ASN C 148 15.30 -20.38 -18.15
C ASN C 148 14.48 -19.21 -17.60
N LEU C 149 13.86 -18.45 -18.49
CA LEU C 149 13.13 -17.27 -18.05
C LEU C 149 11.62 -17.43 -18.18
N GLN C 150 10.88 -16.78 -17.30
CA GLN C 150 9.44 -16.74 -17.44
C GLN C 150 9.10 -15.50 -18.27
N TYR C 151 8.06 -15.58 -19.09
CA TYR C 151 7.66 -14.43 -19.89
C TYR C 151 6.22 -14.00 -19.55
N TYR C 152 5.96 -12.69 -19.52
CA TYR C 152 4.59 -12.14 -19.45
C TYR C 152 4.39 -10.97 -20.41
N ASP C 153 3.24 -10.91 -21.07
CA ASP C 153 2.77 -9.68 -21.71
C ASP C 153 2.41 -8.73 -20.57
N ILE C 154 2.76 -7.46 -20.70
CA ILE C 154 2.24 -6.46 -19.74
C ILE C 154 1.78 -5.22 -20.48
N SER C 155 1.00 -4.39 -19.82
CA SER C 155 0.74 -3.02 -20.27
C SER C 155 0.82 -2.13 -19.04
N ALA C 156 1.94 -1.44 -18.90
CA ALA C 156 2.15 -0.54 -17.77
C ALA C 156 1.01 0.49 -17.64
N LYS C 157 0.54 1.03 -18.76
CA LYS C 157 -0.47 2.09 -18.74
C LYS C 157 -1.85 1.63 -18.31
N SER C 158 -2.12 0.33 -18.43
CA SER C 158 -3.41 -0.24 -18.02
C SER C 158 -3.32 -1.12 -16.76
N ASN C 159 -2.12 -1.29 -16.22
CA ASN C 159 -1.90 -2.18 -15.08
C ASN C 159 -2.04 -3.65 -15.46
N TYR C 160 -2.13 -3.92 -16.75
CA TYR C 160 -2.35 -5.30 -17.19
C TYR C 160 -1.17 -6.21 -16.78
N ASN C 161 -1.50 -7.25 -16.01
CA ASN C 161 -0.53 -8.23 -15.55
C ASN C 161 0.56 -7.64 -14.68
N PHE C 162 0.27 -6.50 -14.04
CA PHE C 162 1.28 -5.81 -13.24
C PHE C 162 1.95 -6.75 -12.23
N GLU C 163 1.13 -7.51 -11.50
CA GLU C 163 1.63 -8.29 -10.39
C GLU C 163 2.37 -9.55 -10.85
N LYS C 164 2.15 -9.97 -12.10
CA LYS C 164 2.63 -11.29 -12.55
C LYS C 164 4.14 -11.50 -12.36
N PRO C 165 4.95 -10.56 -12.86
CA PRO C 165 6.40 -10.77 -12.73
C PRO C 165 6.83 -10.83 -11.27
N PHE C 166 6.23 -9.99 -10.44
CA PHE C 166 6.61 -9.98 -9.04
C PHE C 166 6.23 -11.26 -8.35
N LEU C 167 5.07 -11.81 -8.71
CA LEU C 167 4.62 -13.00 -8.02
C LEU C 167 5.49 -14.19 -8.44
N TRP C 168 5.86 -14.23 -9.73
CA TRP C 168 6.73 -15.31 -10.20
C TRP C 168 8.08 -15.22 -9.50
N LEU C 169 8.67 -14.01 -9.44
CA LEU C 169 9.93 -13.83 -8.73
C LEU C 169 9.83 -14.16 -7.25
N ALA C 170 8.73 -13.79 -6.61
CA ALA C 170 8.57 -14.08 -5.19
C ALA C 170 8.59 -15.60 -4.95
N ARG C 171 7.82 -16.32 -5.75
CA ARG C 171 7.79 -17.78 -5.61
C ARG C 171 9.17 -18.37 -5.79
N LYS C 172 9.95 -17.82 -6.70
CA LYS C 172 11.27 -18.37 -6.99
C LYS C 172 12.27 -18.08 -5.88
N LEU C 173 12.23 -16.85 -5.37
CA LEU C 173 13.19 -16.41 -4.38
C LEU C 173 12.91 -17.05 -3.02
N ILE C 174 11.63 -17.11 -2.66
CA ILE C 174 11.20 -17.67 -1.38
C ILE C 174 11.22 -19.20 -1.43
N GLY C 175 11.11 -19.75 -2.62
CA GLY C 175 11.08 -21.20 -2.77
C GLY C 175 9.74 -21.78 -2.34
N ASP C 176 8.66 -21.11 -2.71
CA ASP C 176 7.31 -21.56 -2.34
C ASP C 176 6.38 -21.40 -3.52
N PRO C 177 6.08 -22.50 -4.21
CA PRO C 177 5.27 -22.44 -5.45
C PRO C 177 3.82 -22.06 -5.17
N ASN C 178 3.43 -22.09 -3.91
CA ASN C 178 2.05 -21.82 -3.50
C ASN C 178 1.88 -20.44 -2.87
N LEU C 179 2.95 -19.65 -2.90
CA LEU C 179 2.88 -18.28 -2.42
C LEU C 179 1.85 -17.51 -3.23
N GLU C 180 1.02 -16.71 -2.57
CA GLU C 180 0.03 -15.89 -3.26
C GLU C 180 0.12 -14.46 -2.73
N PHE C 181 -0.33 -13.49 -3.53
CA PHE C 181 -0.52 -12.13 -3.01
C PHE C 181 -1.92 -12.06 -2.41
N VAL C 182 -1.99 -11.58 -1.17
CA VAL C 182 -3.25 -11.47 -0.44
C VAL C 182 -4.16 -10.42 -1.13
N ALA C 183 -3.53 -9.37 -1.65
CA ALA C 183 -4.28 -8.31 -2.32
C ALA C 183 -3.36 -7.61 -3.28
N MET C 184 -3.92 -6.94 -4.28
CA MET C 184 -3.09 -6.14 -5.18
C MET C 184 -2.63 -4.87 -4.46
N PRO C 185 -1.40 -4.39 -4.76
CA PRO C 185 -0.95 -3.11 -4.22
C PRO C 185 -1.82 -2.02 -4.77
N ALA C 186 -1.82 -0.87 -4.11
CA ALA C 186 -2.57 0.28 -4.62
C ALA C 186 -1.83 0.78 -5.85
N LEU C 187 -2.51 0.80 -6.99
CA LEU C 187 -1.88 1.22 -8.25
C LEU C 187 -2.50 2.50 -8.80
N ALA C 188 -1.72 3.27 -9.54
CA ALA C 188 -2.27 4.39 -10.29
C ALA C 188 -3.36 3.82 -11.21
N PRO C 189 -4.51 4.51 -11.29
CA PRO C 189 -5.63 3.99 -12.11
C PRO C 189 -5.22 3.88 -13.57
N PRO C 190 -5.75 2.89 -14.28
CA PRO C 190 -5.38 2.73 -15.69
C PRO C 190 -5.58 4.03 -16.47
N GLU C 191 -4.62 4.38 -17.32
CA GLU C 191 -4.73 5.56 -18.19
C GLU C 191 -5.32 5.17 -19.53
N VAL C 192 -5.14 3.91 -19.89
CA VAL C 192 -5.75 3.34 -21.08
C VAL C 192 -6.45 2.06 -20.68
N VAL C 193 -7.46 1.68 -21.46
CA VAL C 193 -8.20 0.46 -21.22
C VAL C 193 -7.53 -0.72 -21.94
N MET C 194 -7.34 -1.82 -21.22
CA MET C 194 -6.89 -3.06 -21.85
C MET C 194 -8.12 -3.91 -22.12
N ASP C 195 -8.49 -4.01 -23.39
CA ASP C 195 -9.65 -4.79 -23.81
C ASP C 195 -9.54 -6.22 -23.31
N PRO C 196 -10.52 -6.65 -22.49
CA PRO C 196 -10.50 -8.00 -21.89
C PRO C 196 -10.48 -9.11 -22.93
N ALA C 197 -11.11 -8.88 -24.08
CA ALA C 197 -11.10 -9.86 -25.16
C ALA C 197 -9.70 -9.99 -25.75
N LEU C 198 -9.04 -8.85 -25.98
CA LEU C 198 -7.69 -8.84 -26.53
C LEU C 198 -6.72 -9.54 -25.58
N ALA C 199 -6.84 -9.24 -24.28
CA ALA C 199 -6.02 -9.90 -23.27
C ALA C 199 -6.21 -11.42 -23.34
N ALA C 200 -7.48 -11.85 -23.43
CA ALA C 200 -7.79 -13.27 -23.54
C ALA C 200 -7.11 -13.90 -24.75
N GLN C 201 -7.23 -13.25 -25.90
CA GLN C 201 -6.62 -13.72 -27.13
C GLN C 201 -5.10 -13.81 -27.00
N TYR C 202 -4.49 -12.77 -26.44
CA TYR C 202 -3.04 -12.76 -26.27
C TYR C 202 -2.59 -13.89 -25.34
N GLU C 203 -3.36 -14.14 -24.29
CA GLU C 203 -3.03 -15.20 -23.34
C GLU C 203 -3.11 -16.56 -24.01
N HIS C 204 -4.10 -16.71 -24.89
CA HIS C 204 -4.25 -17.94 -25.66
C HIS C 204 -3.12 -18.06 -26.67
N ASP C 205 -2.81 -16.97 -27.35
CA ASP C 205 -1.71 -16.95 -28.31
C ASP C 205 -0.39 -17.41 -27.69
N LEU C 206 -0.17 -17.04 -26.43
CA LEU C 206 1.03 -17.47 -25.72
C LEU C 206 0.97 -18.96 -25.39
N GLU C 207 -0.20 -19.45 -25.00
CA GLU C 207 -0.37 -20.88 -24.75
C GLU C 207 -0.07 -21.68 -26.01
N VAL C 208 -0.66 -21.25 -27.13
CA VAL C 208 -0.41 -21.91 -28.40
C VAL C 208 1.07 -21.89 -28.74
N ALA C 209 1.67 -20.71 -28.60
CA ALA C 209 3.09 -20.55 -28.89
C ALA C 209 3.95 -21.47 -28.02
N GLN C 210 3.53 -21.65 -26.77
CA GLN C 210 4.30 -22.45 -25.82
C GLN C 210 4.40 -23.92 -26.23
N THR C 211 3.46 -24.39 -27.03
CA THR C 211 3.45 -25.78 -27.46
C THR C 211 4.31 -26.02 -28.69
N THR C 212 4.52 -24.96 -29.49
CA THR C 212 5.33 -25.06 -30.69
C THR C 212 6.77 -25.38 -30.34
N ALA C 213 7.37 -26.33 -31.06
CA ALA C 213 8.76 -26.72 -30.80
C ALA C 213 9.71 -25.57 -31.09
N GLY D 6 28.88 -6.98 12.25
CA GLY D 6 27.49 -6.71 11.91
C GLY D 6 27.33 -6.01 10.57
N SER D 7 26.62 -6.66 9.65
CA SER D 7 26.38 -6.09 8.33
C SER D 7 25.45 -4.88 8.43
N TRP D 8 25.42 -4.07 7.38
CA TRP D 8 24.64 -2.85 7.41
C TRP D 8 23.93 -2.61 6.07
N ASP D 9 22.74 -2.04 6.14
CA ASP D 9 21.99 -1.69 4.94
C ASP D 9 22.28 -0.26 4.55
N CYS D 10 22.54 -0.03 3.27
CA CYS D 10 22.77 1.32 2.79
C CYS D 10 21.48 2.13 2.89
N GLU D 11 21.55 3.29 3.51
CA GLU D 11 20.39 4.14 3.59
C GLU D 11 20.24 5.00 2.35
N VAL D 12 21.18 4.89 1.42
CA VAL D 12 21.04 5.60 0.15
C VAL D 12 20.35 4.72 -0.89
N CYS D 13 20.79 3.48 -1.03
CA CYS D 13 20.27 2.62 -2.10
C CYS D 13 19.68 1.29 -1.63
N LEU D 14 19.79 1.02 -0.34
CA LEU D 14 19.14 -0.16 0.28
C LEU D 14 19.88 -1.48 0.08
N VAL D 15 21.03 -1.44 -0.57
CA VAL D 15 21.84 -2.65 -0.75
C VAL D 15 22.47 -3.10 0.58
N GLN D 16 22.44 -4.40 0.85
CA GLN D 16 23.08 -4.91 2.07
C GLN D 16 24.58 -5.04 1.90
N ASN D 17 25.33 -4.48 2.85
CA ASN D 17 26.79 -4.54 2.81
C ASN D 17 27.40 -5.32 3.97
N LYS D 18 28.60 -5.84 3.74
CA LYS D 18 29.29 -6.65 4.74
C LYS D 18 29.80 -5.81 5.91
N ALA D 19 29.78 -6.40 7.10
CA ALA D 19 30.23 -5.73 8.32
C ALA D 19 31.59 -5.07 8.11
N ASP D 20 32.36 -5.60 7.18
CA ASP D 20 33.71 -5.13 6.91
C ASP D 20 33.73 -3.87 6.05
N SER D 21 32.97 -3.87 4.96
CA SER D 21 33.02 -2.79 3.98
C SER D 21 32.84 -1.41 4.60
N THR D 22 33.60 -0.46 4.09
CA THR D 22 33.56 0.92 4.59
C THR D 22 32.51 1.74 3.85
N LYS D 23 32.34 1.47 2.57
CA LYS D 23 31.31 2.14 1.77
C LYS D 23 30.50 1.14 0.97
N CYS D 24 29.34 1.57 0.48
CA CYS D 24 28.43 0.68 -0.23
C CYS D 24 29.03 0.15 -1.52
N ILE D 25 28.98 -1.18 -1.67
CA ILE D 25 29.53 -1.83 -2.86
C ILE D 25 28.85 -1.34 -4.13
N ALA D 26 27.60 -0.91 -3.97
CA ALA D 26 26.82 -0.49 -5.13
C ALA D 26 27.08 0.97 -5.49
N CYS D 27 26.69 1.86 -4.58
CA CYS D 27 26.59 3.30 -4.88
C CYS D 27 27.74 4.11 -4.26
N GLU D 28 28.60 3.43 -3.51
CA GLU D 28 29.81 4.05 -2.96
C GLU D 28 29.56 4.96 -1.76
N SER D 29 28.32 5.00 -1.29
CA SER D 29 27.98 5.84 -0.15
C SER D 29 28.66 5.32 1.12
N ALA D 30 29.12 6.23 1.97
CA ALA D 30 29.75 5.83 3.23
C ALA D 30 28.72 5.20 4.16
N LYS D 31 29.20 4.36 5.08
CA LYS D 31 28.33 3.67 6.03
C LYS D 31 27.48 4.66 6.83
#